data_4GY9
#
_entry.id   4GY9
#
_cell.length_a   96.596
_cell.length_b   96.596
_cell.length_c   112.031
_cell.angle_alpha   90.00
_cell.angle_beta   90.00
_cell.angle_gamma   120.00
#
_symmetry.space_group_name_H-M   'P 62 2 2'
#
loop_
_entity.id
_entity.type
_entity.pdbx_description
1 polymer 'MtN13 protein'
2 non-polymer N-(3-METHYLBUT-2-EN-1-YL)-9H-PURIN-6-AMINE
3 non-polymer 'SODIUM ION'
4 non-polymer 'MALONATE ION'
5 water water
#
_entity_poly.entity_id   1
_entity_poly.type   'polypeptide(L)'
_entity_poly.pdbx_seq_one_letter_code
;IDPFTMGVITSESEYVSSLSAEKLYRGIVEDGNIIYPKALPRFIEKAETLEGDGGPGTIKKLTFVGDFGSTKQHIDMVDR
ENCAYTYSVYEGIALSDQPLEKIVFEFKLVPTPEEGCIVKSTTKYYTKGDDIELSKDYLEAGIERFEGFTKAVESFLLAN
PDYNKDSN
;
_entity_poly.pdbx_strand_id   A
#
loop_
_chem_comp.id
_chem_comp.type
_chem_comp.name
_chem_comp.formula
MLI non-polymer 'MALONATE ION' 'C3 H2 O4 -2'
NA non-polymer 'SODIUM ION' 'Na 1'
ZIP non-polymer N-(3-METHYLBUT-2-EN-1-YL)-9H-PURIN-6-AMINE 'C10 H13 N5'
#
# COMPACT_ATOMS: atom_id res chain seq x y z
N ILE A 1 -7.88 -26.42 -25.97
CA ILE A 1 -6.87 -25.49 -26.57
C ILE A 1 -5.72 -25.13 -25.59
N ASP A 2 -6.01 -25.17 -24.30
CA ASP A 2 -4.95 -25.05 -23.29
C ASP A 2 -4.16 -23.72 -23.30
N PRO A 3 -4.87 -22.62 -23.24
CA PRO A 3 -4.20 -21.35 -23.29
C PRO A 3 -3.57 -21.00 -21.92
N PHE A 4 -2.64 -20.07 -21.90
CA PHE A 4 -2.23 -19.46 -20.63
C PHE A 4 -3.11 -18.25 -20.34
N THR A 5 -3.73 -18.22 -19.19
CA THR A 5 -4.68 -17.19 -18.89
C THR A 5 -4.34 -16.44 -17.61
N MET A 6 -4.36 -15.11 -17.63
CA MET A 6 -4.18 -14.35 -16.40
C MET A 6 -5.02 -13.11 -16.37
N GLY A 7 -5.60 -12.86 -15.21
CA GLY A 7 -6.33 -11.63 -14.98
C GLY A 7 -5.55 -10.63 -14.14
N VAL A 8 -5.62 -9.39 -14.57
CA VAL A 8 -5.10 -8.26 -13.81
C VAL A 8 -6.28 -7.35 -13.52
N ILE A 9 -6.65 -7.30 -12.23
CA ILE A 9 -7.81 -6.52 -11.80
C ILE A 9 -7.31 -5.30 -11.04
N THR A 10 -7.60 -4.13 -11.60
CA THR A 10 -7.09 -2.84 -11.10
C THR A 10 -8.21 -2.08 -10.42
N SER A 11 -8.00 -1.67 -9.16
CA SER A 11 -8.95 -0.77 -8.48
C SER A 11 -8.27 0.53 -8.14
N GLU A 12 -8.92 1.66 -8.44
CA GLU A 12 -8.30 2.98 -8.29
C GLU A 12 -9.20 3.85 -7.43
N SER A 13 -8.61 4.57 -6.50
CA SER A 13 -9.34 5.47 -5.60
C SER A 13 -8.51 6.72 -5.43
N GLU A 14 -9.17 7.85 -5.33
CA GLU A 14 -8.47 9.12 -5.11
C GLU A 14 -9.14 9.89 -3.98
N TYR A 15 -8.38 10.72 -3.29
CA TYR A 15 -9.01 11.70 -2.38
C TYR A 15 -8.02 12.84 -2.19
N VAL A 16 -8.50 13.96 -1.67
CA VAL A 16 -7.68 15.17 -1.52
C VAL A 16 -7.18 15.27 -0.08
N SER A 17 -5.86 15.24 0.09
CA SER A 17 -5.19 15.36 1.38
C SER A 17 -4.90 16.83 1.70
N SER A 18 -4.95 17.17 2.98
CA SER A 18 -4.60 18.51 3.45
C SER A 18 -3.09 18.64 3.61
N LEU A 19 -2.45 17.49 3.79
CA LEU A 19 -1.02 17.43 3.98
C LEU A 19 -0.35 17.48 2.63
N SER A 20 0.80 18.13 2.55
CA SER A 20 1.51 18.22 1.30
C SER A 20 2.08 16.88 0.85
N ALA A 21 2.27 16.75 -0.46
CA ALA A 21 2.74 15.52 -1.06
C ALA A 21 4.04 15.06 -0.44
N GLU A 22 4.99 15.98 -0.37
CA GLU A 22 6.31 15.66 0.13
C GLU A 22 6.30 15.11 1.56
N LYS A 23 5.49 15.69 2.43
CA LYS A 23 5.45 15.22 3.80
C LYS A 23 4.78 13.87 3.95
N LEU A 24 3.66 13.70 3.26
CA LEU A 24 2.97 12.42 3.28
C LEU A 24 3.88 11.32 2.74
N TYR A 25 4.51 11.58 1.60
CA TYR A 25 5.46 10.64 1.04
C TYR A 25 6.59 10.26 1.97
N ARG A 26 7.22 11.26 2.59
CA ARG A 26 8.34 11.01 3.50
CA ARG A 26 8.35 10.99 3.47
C ARG A 26 7.88 10.19 4.69
N GLY A 27 6.72 10.52 5.20
CA GLY A 27 6.17 9.80 6.33
C GLY A 27 6.01 8.31 6.11
N ILE A 28 5.53 7.93 4.92
CA ILE A 28 5.20 6.55 4.63
C ILE A 28 6.42 5.85 4.15
N VAL A 29 7.08 6.44 3.17
CA VAL A 29 8.16 5.77 2.51
C VAL A 29 9.51 5.80 3.25
N GLU A 30 9.86 6.94 3.83
CA GLU A 30 11.18 7.09 4.45
C GLU A 30 11.15 6.83 5.95
N ASP A 31 10.06 7.23 6.60
CA ASP A 31 9.91 7.10 8.04
C ASP A 31 8.82 6.10 8.46
N GLY A 32 8.47 5.17 7.58
CA GLY A 32 7.38 4.22 7.86
C GLY A 32 7.61 3.40 9.10
N ASN A 33 8.86 3.00 9.29
CA ASN A 33 9.26 2.20 10.45
C ASN A 33 8.87 2.86 11.76
N ILE A 34 8.83 4.17 11.76
CA ILE A 34 8.41 4.94 12.92
C ILE A 34 6.94 5.28 12.85
N ILE A 35 6.49 5.79 11.71
CA ILE A 35 5.17 6.37 11.61
C ILE A 35 4.00 5.35 11.49
N TYR A 36 4.22 4.19 10.87
CA TYR A 36 3.09 3.27 10.69
C TYR A 36 2.52 2.89 12.06
N PRO A 37 3.39 2.51 13.01
CA PRO A 37 2.86 2.15 14.35
C PRO A 37 2.29 3.31 15.11
N LYS A 38 2.74 4.53 14.87
CA LYS A 38 2.15 5.71 15.50
C LYS A 38 0.82 6.07 14.88
N ALA A 39 0.68 5.84 13.57
CA ALA A 39 -0.58 6.16 12.93
C ALA A 39 -1.65 5.13 13.18
N LEU A 40 -1.24 3.87 13.34
CA LEU A 40 -2.21 2.79 13.54
C LEU A 40 -1.81 1.92 14.76
N PRO A 41 -1.84 2.51 15.96
CA PRO A 41 -1.21 1.90 17.15
C PRO A 41 -1.91 0.61 17.58
N ARG A 42 -3.16 0.50 17.22
CA ARG A 42 -3.91 -0.71 17.57
C ARG A 42 -4.03 -1.73 16.43
N PHE A 43 -3.32 -1.49 15.32
CA PHE A 43 -3.35 -2.43 14.20
C PHE A 43 -1.98 -2.84 13.70
N ILE A 44 -1.10 -1.87 13.53
CA ILE A 44 0.25 -2.16 13.10
C ILE A 44 1.16 -2.05 14.31
N GLU A 45 1.72 -3.18 14.69
CA GLU A 45 2.64 -3.28 15.83
C GLU A 45 4.04 -2.81 15.49
N LYS A 46 4.53 -3.16 14.31
CA LYS A 46 5.92 -2.88 13.95
C LYS A 46 6.04 -2.86 12.43
N ALA A 47 6.92 -2.00 11.93
CA ALA A 47 7.25 -1.91 10.50
C ALA A 47 8.76 -1.78 10.42
N GLU A 48 9.40 -2.71 9.72
CA GLU A 48 10.84 -2.80 9.74
C GLU A 48 11.31 -3.12 8.36
N THR A 49 12.59 -2.82 8.11
CA THR A 49 13.24 -3.20 6.87
C THR A 49 14.04 -4.47 7.06
N LEU A 50 13.73 -5.52 6.30
CA LEU A 50 14.46 -6.78 6.40
C LEU A 50 15.69 -6.86 5.51
N GLU A 51 15.64 -6.25 4.33
CA GLU A 51 16.70 -6.38 3.34
C GLU A 51 16.71 -5.11 2.52
N GLY A 52 17.87 -4.52 2.31
CA GLY A 52 18.01 -3.38 1.43
C GLY A 52 18.02 -2.06 2.17
N ASP A 53 18.14 -0.98 1.41
CA ASP A 53 18.41 0.37 1.90
C ASP A 53 17.22 1.30 1.80
N GLY A 54 16.10 0.78 1.30
CA GLY A 54 14.90 1.60 1.19
C GLY A 54 14.45 1.79 -0.25
N GLY A 55 15.35 1.58 -1.20
CA GLY A 55 14.99 1.70 -2.60
C GLY A 55 14.39 0.43 -3.19
N PRO A 56 14.21 0.43 -4.51
CA PRO A 56 13.75 -0.74 -5.26
C PRO A 56 14.52 -2.00 -4.94
N GLY A 57 13.81 -3.08 -4.63
CA GLY A 57 14.46 -4.30 -4.20
C GLY A 57 14.46 -4.53 -2.69
N THR A 58 14.14 -3.50 -1.91
CA THR A 58 14.04 -3.58 -0.45
C THR A 58 12.87 -4.48 -0.08
N ILE A 59 12.99 -5.21 1.03
CA ILE A 59 11.88 -5.99 1.58
C ILE A 59 11.63 -5.44 2.96
N LYS A 60 10.39 -5.01 3.18
CA LYS A 60 9.93 -4.49 4.48
C LYS A 60 8.93 -5.51 5.01
N LYS A 61 8.67 -5.48 6.32
CA LYS A 61 7.68 -6.35 6.94
C LYS A 61 6.81 -5.56 7.92
N LEU A 62 5.50 -5.75 7.81
CA LEU A 62 4.57 -5.20 8.76
C LEU A 62 4.12 -6.35 9.65
N THR A 63 4.20 -6.13 10.96
CA THR A 63 3.65 -7.03 11.96
C THR A 63 2.40 -6.40 12.55
N PHE A 64 1.29 -7.16 12.54
CA PHE A 64 0.03 -6.62 12.98
C PHE A 64 -0.22 -6.99 14.46
N VAL A 65 -0.95 -6.15 15.15
CA VAL A 65 -1.22 -6.32 16.57
C VAL A 65 -2.23 -7.46 16.74
N GLY A 66 -1.93 -8.39 17.63
CA GLY A 66 -2.81 -9.52 17.85
C GLY A 66 -2.60 -10.62 16.82
N ASP A 67 -3.63 -11.46 16.69
CA ASP A 67 -3.51 -12.74 15.99
C ASP A 67 -3.72 -12.56 14.46
N PHE A 68 -3.19 -11.47 13.89
CA PHE A 68 -3.39 -11.13 12.48
C PHE A 68 -2.12 -11.27 11.61
N GLY A 69 -1.09 -11.91 12.16
CA GLY A 69 0.08 -12.30 11.42
C GLY A 69 0.97 -11.12 11.06
N SER A 70 1.61 -11.25 9.91
CA SER A 70 2.55 -10.27 9.45
C SER A 70 2.66 -10.44 7.95
N THR A 71 3.16 -9.40 7.25
CA THR A 71 3.26 -9.49 5.81
C THR A 71 4.49 -8.73 5.31
N LYS A 72 5.19 -9.31 4.35
CA LYS A 72 6.32 -8.65 3.69
C LYS A 72 5.87 -7.84 2.46
N GLN A 73 6.39 -6.62 2.38
CA GLN A 73 6.25 -5.73 1.23
C GLN A 73 7.54 -5.71 0.42
N HIS A 74 7.44 -5.99 -0.89
CA HIS A 74 8.61 -6.11 -1.75
C HIS A 74 8.60 -4.86 -2.62
N ILE A 75 9.50 -3.94 -2.28
CA ILE A 75 9.47 -2.61 -2.88
C ILE A 75 9.91 -2.65 -4.35
N ASP A 76 9.10 -2.03 -5.19
CA ASP A 76 9.29 -2.06 -6.65
C ASP A 76 9.69 -0.70 -7.24
N MET A 77 9.08 0.37 -6.81
CA MET A 77 9.39 1.66 -7.39
C MET A 77 9.34 2.68 -6.29
N VAL A 78 10.37 3.54 -6.29
CA VAL A 78 10.48 4.57 -5.30
C VAL A 78 10.93 5.82 -6.07
N ASP A 79 10.05 6.81 -6.16
CA ASP A 79 10.31 8.00 -6.95
C ASP A 79 10.00 9.20 -6.12
N ARG A 80 11.01 9.71 -5.42
CA ARG A 80 10.84 10.85 -4.53
C ARG A 80 10.39 12.07 -5.32
N GLU A 81 10.98 12.26 -6.50
CA GLU A 81 10.71 13.44 -7.32
C GLU A 81 9.24 13.57 -7.61
N ASN A 82 8.58 12.45 -7.91
CA ASN A 82 7.17 12.48 -8.24
C ASN A 82 6.26 11.90 -7.15
N CYS A 83 6.83 11.72 -5.96
CA CYS A 83 6.07 11.18 -4.84
C CYS A 83 5.26 9.92 -5.23
N ALA A 84 5.95 8.96 -5.82
CA ALA A 84 5.37 7.70 -6.27
C ALA A 84 6.09 6.53 -5.62
N TYR A 85 5.31 5.50 -5.28
CA TYR A 85 5.76 4.36 -4.49
C TYR A 85 4.92 3.15 -4.93
N THR A 86 5.60 2.05 -5.17
CA THR A 86 4.96 0.80 -5.56
C THR A 86 5.61 -0.36 -4.83
N TYR A 87 4.79 -1.26 -4.31
CA TYR A 87 5.29 -2.49 -3.75
C TYR A 87 4.33 -3.67 -4.00
N SER A 88 4.84 -4.88 -3.84
CA SER A 88 4.07 -6.09 -4.06
C SER A 88 3.98 -6.95 -2.79
N VAL A 89 2.89 -7.67 -2.67
CA VAL A 89 2.73 -8.68 -1.63
C VAL A 89 2.49 -10.01 -2.36
N TYR A 90 3.19 -11.06 -1.95
CA TYR A 90 3.17 -12.34 -2.60
C TYR A 90 2.60 -13.50 -1.78
N GLU A 91 2.45 -13.33 -0.46
CA GLU A 91 2.14 -14.47 0.43
C GLU A 91 0.83 -14.23 1.17
N GLY A 92 0.05 -15.29 1.31
CA GLY A 92 -1.17 -15.23 2.09
C GLY A 92 -2.22 -14.39 1.43
N ILE A 93 -2.23 -14.40 0.10
CA ILE A 93 -3.12 -13.52 -0.65
C ILE A 93 -4.32 -14.22 -1.38
N ALA A 94 -4.50 -15.51 -1.27
CA ALA A 94 -5.69 -16.14 -1.87
C ALA A 94 -6.96 -15.44 -1.37
N LEU A 95 -7.85 -15.07 -2.30
CA LEU A 95 -9.12 -14.43 -1.98
C LEU A 95 -10.22 -15.47 -2.10
N SER A 96 -10.65 -15.99 -0.97
CA SER A 96 -11.56 -17.15 -0.92
C SER A 96 -10.96 -18.24 -1.80
N ASP A 97 -11.76 -18.78 -2.73
CA ASP A 97 -11.32 -19.86 -3.62
C ASP A 97 -10.60 -19.35 -4.89
N GLN A 98 -10.22 -18.06 -4.92
CA GLN A 98 -9.43 -17.52 -6.02
C GLN A 98 -7.98 -17.34 -5.59
N PRO A 99 -7.08 -18.20 -6.04
CA PRO A 99 -5.66 -17.98 -5.76
C PRO A 99 -5.16 -16.72 -6.50
N LEU A 100 -4.16 -16.07 -5.96
CA LEU A 100 -3.54 -14.92 -6.63
C LEU A 100 -2.05 -15.13 -6.74
N GLU A 101 -1.44 -14.56 -7.76
CA GLU A 101 0.00 -14.59 -7.93
C GLU A 101 0.66 -13.46 -7.14
N LYS A 102 0.01 -12.29 -7.09
CA LYS A 102 0.50 -11.17 -6.35
C LYS A 102 -0.56 -10.12 -6.25
N ILE A 103 -0.37 -9.23 -5.29
CA ILE A 103 -1.10 -7.98 -5.22
C ILE A 103 -0.08 -6.86 -5.27
N VAL A 104 -0.33 -5.91 -6.15
CA VAL A 104 0.52 -4.74 -6.28
C VAL A 104 -0.20 -3.48 -5.76
N PHE A 105 0.52 -2.73 -4.95
CA PHE A 105 0.01 -1.49 -4.39
C PHE A 105 0.80 -0.30 -4.91
N GLU A 106 0.10 0.74 -5.33
CA GLU A 106 0.81 1.88 -5.89
C GLU A 106 0.12 3.17 -5.48
N PHE A 107 0.89 4.18 -5.06
CA PHE A 107 0.35 5.52 -4.92
C PHE A 107 1.23 6.54 -5.62
N LYS A 108 0.58 7.64 -5.98
CA LYS A 108 1.23 8.80 -6.56
C LYS A 108 0.56 10.00 -5.93
N LEU A 109 1.34 10.88 -5.35
CA LEU A 109 0.79 12.03 -4.67
C LEU A 109 1.09 13.25 -5.54
N VAL A 110 0.06 14.02 -5.86
CA VAL A 110 0.14 15.10 -6.85
C VAL A 110 -0.24 16.44 -6.18
N PRO A 111 0.72 17.36 -6.05
CA PRO A 111 0.46 18.64 -5.38
C PRO A 111 -0.69 19.39 -6.05
N THR A 112 -1.52 20.00 -5.22
CA THR A 112 -2.72 20.65 -5.70
C THR A 112 -2.71 22.03 -5.04
N PRO A 113 -3.08 23.08 -5.79
CA PRO A 113 -3.04 24.43 -5.20
C PRO A 113 -4.02 24.60 -4.05
N GLU A 114 -5.26 24.13 -4.17
CA GLU A 114 -6.25 24.39 -3.14
C GLU A 114 -5.86 23.79 -1.76
N GLU A 115 -5.65 22.47 -1.70
CA GLU A 115 -5.35 21.81 -0.43
C GLU A 115 -3.87 21.37 -0.35
N GLY A 116 -3.63 20.11 0.01
CA GLY A 116 -2.27 19.59 0.00
C GLY A 116 -1.95 18.92 -1.30
N CYS A 117 -2.51 17.72 -1.50
CA CYS A 117 -2.25 16.94 -2.69
C CYS A 117 -3.41 16.00 -3.02
N ILE A 118 -3.40 15.47 -4.24
CA ILE A 118 -4.35 14.45 -4.62
C ILE A 118 -3.63 13.16 -4.38
N VAL A 119 -4.23 12.27 -3.63
CA VAL A 119 -3.63 10.96 -3.37
C VAL A 119 -4.26 9.97 -4.33
N LYS A 120 -3.47 9.50 -5.27
CA LYS A 120 -3.96 8.54 -6.26
C LYS A 120 -3.48 7.15 -5.85
N SER A 121 -4.41 6.32 -5.42
CA SER A 121 -4.09 4.95 -4.97
C SER A 121 -4.60 3.91 -5.97
N THR A 122 -3.79 2.88 -6.18
CA THR A 122 -4.13 1.77 -7.04
C THR A 122 -3.78 0.47 -6.38
N THR A 123 -4.66 -0.51 -6.49
CA THR A 123 -4.30 -1.89 -6.19
C THR A 123 -4.59 -2.78 -7.40
N LYS A 124 -3.72 -3.73 -7.64
CA LYS A 124 -3.85 -4.64 -8.76
C LYS A 124 -3.74 -6.04 -8.26
N TYR A 125 -4.73 -6.86 -8.59
N TYR A 125 -4.76 -6.83 -8.53
CA TYR A 125 -4.79 -8.25 -8.21
CA TYR A 125 -4.76 -8.23 -8.24
C TYR A 125 -4.47 -9.12 -9.44
C TYR A 125 -4.32 -8.96 -9.50
N TYR A 126 -3.41 -9.92 -9.33
CA TYR A 126 -2.99 -10.78 -10.42
C TYR A 126 -3.42 -12.21 -10.13
N THR A 127 -4.23 -12.79 -11.02
CA THR A 127 -4.87 -14.07 -10.70
C THR A 127 -4.08 -15.22 -11.19
N LYS A 128 -4.15 -16.27 -10.39
CA LYS A 128 -3.53 -17.52 -10.69
C LYS A 128 -4.67 -18.44 -11.20
N GLY A 129 -4.42 -19.25 -12.22
CA GLY A 129 -5.39 -20.27 -12.59
C GLY A 129 -6.06 -19.95 -13.90
N ASP A 130 -7.11 -20.73 -14.22
CA ASP A 130 -7.72 -20.78 -15.54
C ASP A 130 -9.07 -20.08 -15.62
N ASP A 131 -9.57 -19.62 -14.49
CA ASP A 131 -10.82 -18.87 -14.47
C ASP A 131 -10.75 -17.78 -13.38
N ILE A 132 -11.87 -17.14 -13.06
CA ILE A 132 -11.81 -15.98 -12.18
C ILE A 132 -13.12 -15.69 -11.51
N GLU A 133 -13.05 -15.55 -10.21
CA GLU A 133 -14.22 -15.21 -9.43
C GLU A 133 -13.80 -14.32 -8.27
N LEU A 134 -14.11 -13.02 -8.35
CA LEU A 134 -13.73 -12.08 -7.32
C LEU A 134 -14.92 -11.22 -7.00
N SER A 135 -15.35 -11.20 -5.75
CA SER A 135 -16.53 -10.42 -5.44
C SER A 135 -16.11 -8.98 -5.21
N LYS A 136 -17.07 -8.09 -5.34
CA LYS A 136 -16.92 -6.68 -5.08
C LYS A 136 -16.31 -6.38 -3.71
N ASP A 137 -16.76 -7.09 -2.68
CA ASP A 137 -16.20 -6.88 -1.35
C ASP A 137 -14.69 -7.14 -1.30
N TYR A 138 -14.21 -8.21 -1.94
CA TYR A 138 -12.79 -8.53 -1.85
C TYR A 138 -11.97 -7.47 -2.65
N LEU A 139 -12.49 -7.05 -3.80
CA LEU A 139 -11.76 -6.07 -4.63
C LEU A 139 -11.72 -4.77 -3.89
N GLU A 140 -12.85 -4.38 -3.30
CA GLU A 140 -12.85 -3.14 -2.57
C GLU A 140 -11.98 -3.21 -1.34
N ALA A 141 -11.84 -4.39 -0.75
CA ALA A 141 -11.14 -4.53 0.52
C ALA A 141 -9.69 -4.08 0.45
N GLY A 142 -9.01 -4.48 -0.62
CA GLY A 142 -7.58 -4.20 -0.74
C GLY A 142 -7.33 -2.71 -0.84
N ILE A 143 -8.10 -2.06 -1.68
CA ILE A 143 -7.93 -0.64 -1.92
C ILE A 143 -8.39 0.22 -0.71
N GLU A 144 -9.43 -0.24 -0.01
CA GLU A 144 -9.84 0.42 1.22
C GLU A 144 -8.78 0.35 2.33
N ARG A 145 -8.18 -0.81 2.50
CA ARG A 145 -7.13 -0.97 3.50
C ARG A 145 -5.93 -0.07 3.16
N PHE A 146 -5.54 -0.11 1.89
CA PHE A 146 -4.34 0.61 1.42
C PHE A 146 -4.54 2.11 1.60
N GLU A 147 -5.63 2.61 1.04
CA GLU A 147 -5.93 4.03 1.19
C GLU A 147 -6.14 4.39 2.68
N GLY A 148 -6.68 3.46 3.45
CA GLY A 148 -6.86 3.60 4.88
C GLY A 148 -5.56 3.80 5.63
N PHE A 149 -4.54 3.04 5.30
CA PHE A 149 -3.23 3.28 5.86
C PHE A 149 -2.78 4.71 5.54
N THR A 150 -2.91 5.14 4.29
CA THR A 150 -2.44 6.47 3.92
C THR A 150 -3.21 7.57 4.70
N LYS A 151 -4.52 7.43 4.80
CA LYS A 151 -5.30 8.41 5.54
C LYS A 151 -4.92 8.48 7.04
N ALA A 152 -4.62 7.32 7.64
CA ALA A 152 -4.19 7.26 9.04
C ALA A 152 -2.88 8.02 9.24
N VAL A 153 -1.95 7.81 8.32
CA VAL A 153 -0.68 8.48 8.39
C VAL A 153 -0.84 9.98 8.17
N GLU A 154 -1.66 10.38 7.22
CA GLU A 154 -1.93 11.80 6.97
C GLU A 154 -2.46 12.46 8.24
N SER A 155 -3.43 11.82 8.85
CA SER A 155 -4.06 12.35 10.03
C SER A 155 -3.06 12.50 11.20
N PHE A 156 -2.20 11.50 11.38
CA PHE A 156 -1.19 11.54 12.40
C PHE A 156 -0.22 12.67 12.16
N LEU A 157 0.22 12.83 10.93
CA LEU A 157 1.22 13.83 10.62
C LEU A 157 0.66 15.25 10.73
N LEU A 158 -0.62 15.42 10.46
CA LEU A 158 -1.21 16.73 10.58
C LEU A 158 -1.33 17.12 12.07
N ALA A 159 -1.50 16.12 12.93
CA ALA A 159 -1.71 16.36 14.37
C ALA A 159 -0.38 16.44 15.09
N ASN A 160 0.68 15.93 14.48
CA ASN A 160 1.98 15.95 15.10
C ASN A 160 3.08 16.32 14.13
N PRO A 161 3.05 17.56 13.61
CA PRO A 161 4.00 18.05 12.61
C PRO A 161 5.46 17.91 13.01
N ASP A 162 5.67 17.69 14.30
CA ASP A 162 6.97 17.36 14.87
C ASP A 162 7.66 16.14 14.21
N TYR A 163 6.95 15.41 13.35
CA TYR A 163 7.56 14.34 12.54
C TYR A 163 7.56 14.66 11.03
C14 ZIP B . -6.92 -7.71 0.08
C13 ZIP B . -6.46 -6.83 1.20
C15 ZIP B . -7.44 -6.55 2.28
C12 ZIP B . -5.22 -6.35 1.23
C11 ZIP B . -4.65 -5.45 2.28
N10 ZIP B . -3.25 -5.63 2.57
C6 ZIP B . -2.36 -4.66 2.48
C5 ZIP B . -0.94 -4.88 2.81
N9 ZIP B . -0.20 -5.87 3.23
C4 ZIP B . -0.05 -3.74 2.65
N7 ZIP B . 1.14 -4.17 2.99
C8 ZIP B . 1.04 -5.44 3.32
N3 ZIP B . -0.56 -2.60 2.23
C2 ZIP B . -1.84 -2.47 1.97
N1 ZIP B . -2.72 -3.44 2.09
NA NA C . 0.41 -11.71 6.22
NA NA D . 0.77 -9.91 16.23
NA NA E . -4.69 6.81 14.23
NA NA F . -3.13 -18.86 -15.41
NA NA G . 3.82 -13.45 7.84
NA NA H . -1.02 22.03 -1.84
C1 MLI I . -1.16 -19.07 -0.13
C2 MLI I . -1.85 -17.78 -0.41
C3 MLI I . 0.31 -18.85 0.00
O6 MLI I . -2.97 -17.55 0.14
O7 MLI I . -1.31 -16.93 -1.20
O8 MLI I . 0.76 -18.00 0.86
O9 MLI I . 1.13 -19.49 -0.73
#